data_3NHY
#
_entry.id   3NHY
#
_cell.length_a   56.508
_cell.length_b   83.676
_cell.length_c   106.774
_cell.angle_alpha   90.000
_cell.angle_beta   90.000
_cell.angle_gamma   90.000
#
_symmetry.space_group_name_H-M   'P 21 21 21'
#
loop_
_entity.id
_entity.type
_entity.pdbx_description
1 polymer 'Ribosyldihydronicotinamide dehydrogenase [quinone]'
2 non-polymer 'ZINC ION'
3 non-polymer 'FLAVIN-ADENINE DINUCLEOTIDE'
4 non-polymer 8-methoxy-4-methylquinolin-2(1H)-one
5 water water
#
_entity_poly.entity_id   1
_entity_poly.type   'polypeptide(L)'
_entity_poly.pdbx_seq_one_letter_code
;AGKKVLIVYAHQEPKSFNGSLKNVAVDELSRQGCTVTVSDLYAMNFEPRATDKDITGTLSNPEVFNYGVETHEAYKQRSL
ASDITDEQKKVREADLVIFQFPLYWFSVPAILKGWMDRVLCQGFAFDIPGFYDSGLLQGKLALLSVTTGGTAEMYTKTGV
NGDSRYFLWPLQHGTLHFCGFKVLAPQISFAPEIASEEERKGMVAAWSQRLQTIWKEEPIPCTAHWHFGQ
;
_entity_poly.pdbx_strand_id   A,B
#
loop_
_chem_comp.id
_chem_comp.type
_chem_comp.name
_chem_comp.formula
A7B non-polymer 8-methoxy-4-methylquinolin-2(1H)-one 'C11 H11 N O2'
FAD non-polymer 'FLAVIN-ADENINE DINUCLEOTIDE' 'C27 H33 N9 O15 P2'
ZN non-polymer 'ZINC ION' 'Zn 2'
#
# COMPACT_ATOMS: atom_id res chain seq x y z
N ALA A 1 0.06 -32.41 3.28
CA ALA A 1 -0.94 -33.55 3.07
C ALA A 1 -1.82 -34.01 4.31
N GLY A 2 -3.08 -33.52 4.43
CA GLY A 2 -3.69 -32.70 3.38
C GLY A 2 -3.78 -31.23 3.70
N LYS A 3 -3.09 -30.37 2.97
CA LYS A 3 -3.17 -28.93 3.20
C LYS A 3 -3.39 -28.23 1.85
N LYS A 4 -4.08 -27.12 1.84
CA LYS A 4 -4.20 -26.35 0.56
C LYS A 4 -3.41 -25.07 0.81
N VAL A 5 -2.60 -24.73 -0.17
CA VAL A 5 -1.88 -23.46 -0.16
C VAL A 5 -2.34 -22.59 -1.33
N LEU A 6 -2.53 -21.33 -1.01
CA LEU A 6 -2.68 -20.28 -2.05
C LEU A 6 -1.46 -19.42 -2.11
N ILE A 7 -0.88 -19.23 -3.31
CA ILE A 7 0.18 -18.23 -3.47
C ILE A 7 -0.36 -17.07 -4.28
N VAL A 8 -0.36 -15.88 -3.66
CA VAL A 8 -0.80 -14.66 -4.38
C VAL A 8 0.50 -13.96 -4.80
N TYR A 9 0.71 -13.88 -6.10
CA TYR A 9 2.01 -13.53 -6.65
C TYR A 9 1.90 -12.26 -7.46
N ALA A 10 2.81 -11.33 -7.25
CA ALA A 10 2.72 -10.00 -7.92
C ALA A 10 4.06 -9.64 -8.50
N HIS A 11 4.36 -10.23 -9.68
CA HIS A 11 5.51 -9.79 -10.44
C HIS A 11 5.19 -9.92 -11.96
N GLN A 12 5.66 -8.94 -12.72
CA GLN A 12 5.37 -8.87 -14.16
C GLN A 12 6.13 -9.90 -15.00
N GLU A 13 7.22 -10.43 -14.45
CA GLU A 13 8.23 -11.15 -15.26
C GLU A 13 8.43 -12.61 -14.75
N PRO A 14 8.05 -13.61 -15.56
CA PRO A 14 8.18 -15.03 -15.16
C PRO A 14 9.65 -15.40 -14.87
N LYS A 15 10.58 -14.73 -15.56
CA LYS A 15 11.99 -15.04 -15.34
C LYS A 15 12.59 -14.27 -14.20
N SER A 16 11.80 -13.46 -13.49
CA SER A 16 12.33 -12.75 -12.32
C SER A 16 12.72 -13.60 -11.16
N PHE A 17 13.45 -12.98 -10.24
CA PHE A 17 13.77 -13.62 -8.99
C PHE A 17 12.52 -13.93 -8.17
N ASN A 18 11.53 -13.01 -8.21
CA ASN A 18 10.21 -13.32 -7.58
C ASN A 18 9.61 -14.54 -8.24
N GLY A 19 9.68 -14.57 -9.58
CA GLY A 19 9.15 -15.72 -10.35
C GLY A 19 9.82 -17.02 -9.90
N SER A 20 11.14 -16.98 -9.69
CA SER A 20 11.85 -18.19 -9.21
C SER A 20 11.41 -18.60 -7.86
N LEU A 21 11.15 -17.61 -6.97
CA LEU A 21 10.72 -17.93 -5.62
C LEU A 21 9.31 -18.52 -5.62
N LYS A 22 8.42 -17.95 -6.42
CA LYS A 22 7.05 -18.54 -6.57
C LYS A 22 7.18 -19.95 -7.13
N ASN A 23 8.01 -20.17 -8.15
CA ASN A 23 8.12 -21.52 -8.74
C ASN A 23 8.72 -22.59 -7.83
N VAL A 24 9.72 -22.24 -7.00
CA VAL A 24 10.18 -23.24 -5.97
C VAL A 24 9.18 -23.51 -4.90
N ALA A 25 8.38 -22.49 -4.51
CA ALA A 25 7.31 -22.70 -3.58
C ALA A 25 6.34 -23.73 -4.20
N VAL A 26 5.89 -23.49 -5.42
CA VAL A 26 4.98 -24.49 -6.09
C VAL A 26 5.64 -25.87 -6.18
N ASP A 27 6.91 -25.92 -6.63
CA ASP A 27 7.61 -27.25 -6.79
C ASP A 27 7.69 -28.03 -5.45
N GLU A 28 8.19 -27.34 -4.42
CA GLU A 28 8.34 -27.94 -3.10
C GLU A 28 7.01 -28.34 -2.39
N LEU A 29 6.00 -27.46 -2.39
CA LEU A 29 4.72 -27.75 -1.78
C LEU A 29 4.05 -28.88 -2.58
N SER A 30 4.21 -28.83 -3.91
CA SER A 30 3.57 -29.88 -4.75
C SER A 30 4.21 -31.27 -4.47
N ARG A 31 5.56 -31.28 -4.35
CA ARG A 31 6.30 -32.49 -3.91
C ARG A 31 5.85 -33.07 -2.60
N GLN A 32 5.47 -32.23 -1.66
CA GLN A 32 5.06 -32.71 -0.36
C GLN A 32 3.63 -33.30 -0.41
N GLY A 33 2.91 -33.05 -1.48
CA GLY A 33 1.56 -33.56 -1.64
C GLY A 33 0.50 -32.54 -1.35
N CYS A 34 0.91 -31.27 -1.17
CA CYS A 34 -0.02 -30.19 -0.85
C CYS A 34 -0.85 -29.81 -2.08
N THR A 35 -2.04 -29.34 -1.84
CA THR A 35 -2.88 -28.79 -2.91
C THR A 35 -2.45 -27.32 -3.08
N VAL A 36 -2.10 -26.91 -4.28
CA VAL A 36 -1.48 -25.61 -4.48
C VAL A 36 -2.23 -24.85 -5.57
N THR A 37 -2.49 -23.59 -5.31
CA THR A 37 -3.17 -22.74 -6.30
C THR A 37 -2.39 -21.43 -6.37
N VAL A 38 -2.16 -20.87 -7.58
CA VAL A 38 -1.43 -19.57 -7.71
C VAL A 38 -2.36 -18.53 -8.29
N SER A 39 -2.45 -17.36 -7.64
CA SER A 39 -3.12 -16.19 -8.25
C SER A 39 -2.04 -15.30 -8.81
N ASP A 40 -1.80 -15.40 -10.12
CA ASP A 40 -0.78 -14.58 -10.76
C ASP A 40 -1.42 -13.26 -11.18
N LEU A 41 -1.37 -12.25 -10.30
CA LEU A 41 -2.13 -11.01 -10.48
C LEU A 41 -1.87 -10.27 -11.80
N TYR A 42 -0.61 -10.12 -12.21
CA TYR A 42 -0.40 -9.38 -13.40
C TYR A 42 -0.93 -10.15 -14.62
N ALA A 43 -0.72 -11.49 -14.64
CA ALA A 43 -1.20 -12.32 -15.76
C ALA A 43 -2.73 -12.36 -15.81
N MET A 44 -3.38 -12.22 -14.67
CA MET A 44 -4.83 -12.13 -14.62
C MET A 44 -5.31 -10.71 -14.99
N ASN A 45 -4.37 -9.75 -15.17
CA ASN A 45 -4.71 -8.30 -15.24
C ASN A 45 -5.69 -7.92 -14.10
N PHE A 46 -5.39 -8.45 -12.92
CA PHE A 46 -6.26 -8.18 -11.75
C PHE A 46 -6.59 -6.68 -11.49
N GLU A 47 -7.86 -6.38 -11.35
CA GLU A 47 -8.29 -5.01 -11.07
C GLU A 47 -7.98 -4.53 -9.63
N PRO A 48 -7.16 -3.49 -9.47
CA PRO A 48 -6.82 -3.05 -8.13
C PRO A 48 -7.79 -2.00 -7.62
N ARG A 49 -8.58 -1.31 -8.47
CA ARG A 49 -9.36 -0.20 -7.92
C ARG A 49 -10.67 -0.64 -7.26
N ALA A 50 -10.94 -0.06 -6.09
CA ALA A 50 -12.17 -0.27 -5.34
C ALA A 50 -13.24 0.62 -5.91
N THR A 51 -14.14 0.06 -6.71
CA THR A 51 -15.13 0.92 -7.36
C THR A 51 -16.50 0.27 -7.30
N ASP A 52 -17.52 1.04 -7.76
CA ASP A 52 -18.89 0.50 -7.80
C ASP A 52 -19.08 -0.66 -8.77
N LYS A 53 -18.10 -0.92 -9.65
CA LYS A 53 -18.20 -2.10 -10.52
C LYS A 53 -18.05 -3.39 -9.74
N ASP A 54 -17.64 -3.25 -8.49
CA ASP A 54 -17.36 -4.42 -7.64
C ASP A 54 -18.62 -5.03 -7.14
N ILE A 55 -19.74 -4.29 -7.35
CA ILE A 55 -21.10 -4.77 -7.03
C ILE A 55 -21.93 -4.91 -8.28
N THR A 56 -22.52 -6.09 -8.44
CA THR A 56 -23.34 -6.39 -9.62
C THR A 56 -24.81 -6.11 -9.18
N GLY A 57 -25.71 -5.90 -10.15
CA GLY A 57 -27.12 -5.56 -9.79
C GLY A 57 -27.20 -4.15 -9.21
N THR A 58 -27.87 -3.97 -8.09
CA THR A 58 -28.16 -2.60 -7.67
C THR A 58 -27.70 -2.30 -6.25
N LEU A 59 -27.49 -1.02 -5.97
CA LEU A 59 -26.77 -0.61 -4.81
C LEU A 59 -27.63 -0.40 -3.58
N SER A 60 -27.06 -0.74 -2.44
CA SER A 60 -27.69 -0.53 -1.15
C SER A 60 -28.07 0.94 -0.91
N ASN A 61 -27.34 1.88 -1.53
CA ASN A 61 -27.64 3.33 -1.47
C ASN A 61 -27.07 4.05 -2.68
N PRO A 62 -27.81 4.10 -3.79
CA PRO A 62 -27.14 4.66 -4.98
C PRO A 62 -27.08 6.20 -5.03
N GLU A 63 -27.34 6.89 -3.91
CA GLU A 63 -27.19 8.36 -3.88
C GLU A 63 -25.80 8.81 -3.34
N VAL A 64 -25.30 8.07 -2.36
CA VAL A 64 -23.98 8.32 -1.80
C VAL A 64 -23.33 6.92 -1.88
N PHE A 65 -22.20 6.79 -2.60
CA PHE A 65 -21.49 5.50 -2.68
C PHE A 65 -20.49 5.35 -1.53
N ASN A 66 -20.65 4.33 -0.67
CA ASN A 66 -19.67 4.06 0.43
C ASN A 66 -19.16 2.66 0.12
N TYR A 67 -17.89 2.51 -0.24
CA TYR A 67 -17.38 1.22 -0.72
C TYR A 67 -17.49 0.14 0.38
N GLY A 68 -17.13 0.46 1.62
CA GLY A 68 -17.16 -0.55 2.67
C GLY A 68 -18.57 -1.09 2.90
N VAL A 69 -19.54 -0.19 2.83
CA VAL A 69 -20.93 -0.56 3.11
C VAL A 69 -21.45 -1.40 1.97
N GLU A 70 -21.22 -0.94 0.75
CA GLU A 70 -21.79 -1.56 -0.45
C GLU A 70 -21.23 -2.96 -0.66
N THR A 71 -19.94 -3.13 -0.36
CA THR A 71 -19.29 -4.44 -0.50
C THR A 71 -19.63 -5.37 0.62
N HIS A 72 -19.84 -4.82 1.81
CA HIS A 72 -20.35 -5.63 2.90
C HIS A 72 -21.71 -6.23 2.51
N GLU A 73 -22.64 -5.39 2.05
CA GLU A 73 -23.99 -5.85 1.70
C GLU A 73 -23.96 -6.79 0.51
N ALA A 74 -23.13 -6.48 -0.51
CA ALA A 74 -22.94 -7.35 -1.68
C ALA A 74 -22.45 -8.73 -1.27
N TYR A 75 -21.48 -8.79 -0.35
CA TYR A 75 -20.96 -10.06 0.05
C TYR A 75 -22.14 -10.91 0.63
N LYS A 76 -22.86 -10.35 1.60
CA LYS A 76 -24.04 -10.99 2.24
C LYS A 76 -25.12 -11.41 1.26
N GLN A 77 -25.39 -10.56 0.26
N GLN A 77 -25.41 -10.57 0.25
CA GLN A 77 -26.39 -10.85 -0.75
CA GLN A 77 -26.44 -10.93 -0.74
C GLN A 77 -25.81 -11.51 -1.99
C GLN A 77 -25.88 -11.66 -1.94
N ARG A 78 -24.63 -12.14 -1.85
CA ARG A 78 -23.94 -12.84 -2.98
C ARG A 78 -23.95 -12.05 -4.29
N SER A 79 -23.65 -10.75 -4.20
CA SER A 79 -23.72 -9.88 -5.36
C SER A 79 -22.37 -9.16 -5.67
N LEU A 80 -21.23 -9.77 -5.33
CA LEU A 80 -19.89 -9.21 -5.65
C LEU A 80 -19.42 -9.64 -7.02
N ALA A 81 -18.59 -8.79 -7.65
CA ALA A 81 -17.99 -9.16 -8.94
C ALA A 81 -17.29 -10.54 -8.85
N SER A 82 -17.31 -11.27 -9.94
CA SER A 82 -16.81 -12.65 -9.91
C SER A 82 -15.27 -12.70 -9.74
N ASP A 83 -14.51 -11.70 -10.18
CA ASP A 83 -13.05 -11.69 -9.89
C ASP A 83 -12.80 -11.69 -8.39
N ILE A 84 -13.59 -10.93 -7.64
CA ILE A 84 -13.50 -10.98 -6.19
C ILE A 84 -13.90 -12.31 -5.61
N THR A 85 -15.04 -12.83 -6.02
CA THR A 85 -15.51 -14.05 -5.29
C THR A 85 -14.66 -15.30 -5.69
N ASP A 86 -14.10 -15.29 -6.90
CA ASP A 86 -13.14 -16.31 -7.30
C ASP A 86 -11.96 -16.28 -6.33
N GLU A 87 -11.39 -15.06 -6.06
CA GLU A 87 -10.32 -15.04 -5.03
C GLU A 87 -10.77 -15.50 -3.62
N GLN A 88 -11.93 -15.04 -3.19
CA GLN A 88 -12.41 -15.42 -1.88
C GLN A 88 -12.58 -16.94 -1.71
N LYS A 89 -13.06 -17.62 -2.76
CA LYS A 89 -13.07 -19.09 -2.66
C LYS A 89 -11.67 -19.73 -2.45
N LYS A 90 -10.65 -19.22 -3.16
CA LYS A 90 -9.29 -19.69 -2.95
C LYS A 90 -8.81 -19.43 -1.53
N VAL A 91 -9.14 -18.27 -1.00
CA VAL A 91 -8.72 -17.98 0.35
C VAL A 91 -9.50 -18.82 1.37
N ARG A 92 -10.81 -18.93 1.20
CA ARG A 92 -11.68 -19.71 2.13
C ARG A 92 -11.13 -21.15 2.25
N GLU A 93 -10.75 -21.74 1.13
CA GLU A 93 -10.33 -23.14 1.15
C GLU A 93 -8.87 -23.32 1.59
N ALA A 94 -8.06 -22.27 1.51
CA ALA A 94 -6.64 -22.38 1.84
C ALA A 94 -6.34 -22.55 3.36
N ASP A 95 -5.35 -23.37 3.69
CA ASP A 95 -4.81 -23.40 5.08
C ASP A 95 -3.68 -22.42 5.26
N LEU A 96 -2.96 -22.15 4.15
CA LEU A 96 -1.85 -21.21 4.18
C LEU A 96 -1.93 -20.27 2.95
N VAL A 97 -1.74 -18.96 3.19
CA VAL A 97 -1.64 -18.03 2.06
C VAL A 97 -0.28 -17.40 2.06
N ILE A 98 0.47 -17.60 0.98
CA ILE A 98 1.75 -17.02 0.82
C ILE A 98 1.61 -15.83 -0.12
N PHE A 99 2.22 -14.68 0.24
CA PHE A 99 2.22 -13.51 -0.70
C PHE A 99 3.64 -13.37 -1.17
N GLN A 100 3.81 -13.39 -2.47
CA GLN A 100 5.15 -13.28 -3.03
C GLN A 100 5.25 -12.00 -3.89
N PHE A 101 6.10 -11.05 -3.48
CA PHE A 101 6.14 -9.72 -4.15
C PHE A 101 7.47 -9.00 -3.89
N PRO A 102 7.85 -8.12 -4.86
CA PRO A 102 8.91 -7.15 -4.57
C PRO A 102 8.35 -6.01 -3.69
N LEU A 103 9.16 -5.54 -2.73
CA LEU A 103 8.75 -4.41 -1.93
C LEU A 103 8.64 -3.16 -2.89
N TYR A 104 7.47 -2.49 -2.92
CA TYR A 104 7.31 -1.21 -3.61
C TYR A 104 6.92 -0.18 -2.56
N TRP A 105 7.79 0.81 -2.35
CA TRP A 105 7.48 1.91 -1.38
C TRP A 105 7.11 1.39 0.02
N PHE A 106 7.99 0.49 0.53
CA PHE A 106 7.88 -0.15 1.88
C PHE A 106 6.55 -0.88 2.00
N SER A 107 6.01 -1.37 0.87
CA SER A 107 4.72 -2.01 0.94
C SER A 107 4.54 -2.98 -0.30
N VAL A 108 3.28 -3.41 -0.53
CA VAL A 108 3.00 -4.30 -1.66
C VAL A 108 2.83 -3.41 -2.92
N PRO A 109 3.17 -3.91 -4.10
CA PRO A 109 2.79 -3.30 -5.38
C PRO A 109 1.28 -3.06 -5.39
N ALA A 110 0.89 -1.99 -6.08
CA ALA A 110 -0.50 -1.56 -6.09
C ALA A 110 -1.47 -2.67 -6.53
N ILE A 111 -1.08 -3.50 -7.49
CA ILE A 111 -1.96 -4.56 -7.91
C ILE A 111 -2.29 -5.55 -6.78
N LEU A 112 -1.29 -5.82 -5.93
CA LEU A 112 -1.54 -6.71 -4.79
C LEU A 112 -2.26 -5.89 -3.65
N LYS A 113 -1.95 -4.60 -3.52
CA LYS A 113 -2.73 -3.75 -2.58
C LYS A 113 -4.23 -3.85 -2.92
N GLY A 114 -4.55 -3.84 -4.21
CA GLY A 114 -5.97 -3.86 -4.62
C GLY A 114 -6.59 -5.23 -4.37
N TRP A 115 -5.79 -6.30 -4.48
CA TRP A 115 -6.27 -7.62 -4.09
C TRP A 115 -6.71 -7.53 -2.59
N MET A 116 -5.87 -7.00 -1.72
N MET A 116 -5.82 -6.99 -1.76
CA MET A 116 -6.26 -6.96 -0.31
CA MET A 116 -6.09 -6.84 -0.33
C MET A 116 -7.50 -6.08 -0.13
C MET A 116 -7.39 -6.06 -0.11
N ASP A 117 -7.47 -4.90 -0.76
CA ASP A 117 -8.53 -3.96 -0.59
C ASP A 117 -9.90 -4.59 -1.00
N ARG A 118 -9.91 -5.35 -2.11
CA ARG A 118 -11.18 -5.75 -2.84
C ARG A 118 -11.54 -7.17 -2.41
N VAL A 119 -10.54 -8.02 -2.11
CA VAL A 119 -10.87 -9.42 -1.71
C VAL A 119 -11.23 -9.60 -0.21
N LEU A 120 -10.56 -8.88 0.67
CA LEU A 120 -10.71 -9.07 2.09
C LEU A 120 -11.82 -8.11 2.60
N CYS A 121 -13.04 -8.31 2.09
CA CYS A 121 -14.15 -7.39 2.43
C CYS A 121 -14.85 -7.75 3.74
N GLN A 122 -15.54 -6.76 4.27
CA GLN A 122 -16.28 -6.96 5.50
C GLN A 122 -17.38 -7.99 5.24
N GLY A 123 -17.50 -8.95 6.14
CA GLY A 123 -18.46 -10.09 6.01
C GLY A 123 -17.69 -11.35 5.61
N PHE A 124 -16.58 -11.18 4.88
CA PHE A 124 -15.72 -12.31 4.45
C PHE A 124 -14.52 -12.48 5.39
N ALA A 125 -13.74 -11.40 5.52
CA ALA A 125 -12.43 -11.40 6.20
C ALA A 125 -12.56 -10.96 7.65
N PHE A 126 -13.56 -10.11 7.90
CA PHE A 126 -13.71 -9.48 9.22
C PHE A 126 -15.12 -8.89 9.26
N ASP A 127 -15.56 -8.61 10.46
CA ASP A 127 -16.84 -7.96 10.65
C ASP A 127 -16.64 -6.65 11.45
N ILE A 128 -17.52 -5.63 11.34
CA ILE A 128 -17.45 -4.45 12.30
C ILE A 128 -18.64 -4.44 13.30
N PRO A 129 -18.39 -4.88 14.52
CA PRO A 129 -17.09 -5.34 14.92
C PRO A 129 -16.98 -6.85 14.62
N GLY A 130 -15.78 -7.42 14.83
CA GLY A 130 -15.38 -8.80 14.46
C GLY A 130 -13.96 -8.97 13.85
N PHE A 131 -12.90 -8.64 14.60
CA PHE A 131 -11.48 -8.60 14.10
C PHE A 131 -10.33 -8.96 15.03
N TYR A 132 -9.11 -8.73 14.52
CA TYR A 132 -7.93 -9.32 15.05
C TYR A 132 -8.37 -10.70 15.47
N ASP A 133 -8.65 -10.93 16.76
CA ASP A 133 -9.00 -12.32 17.13
C ASP A 133 -10.48 -12.72 16.95
N SER A 134 -11.35 -11.73 16.93
CA SER A 134 -12.71 -11.97 16.51
C SER A 134 -12.81 -12.05 14.92
N GLY A 135 -11.65 -12.29 14.27
CA GLY A 135 -11.39 -12.08 12.82
C GLY A 135 -11.68 -13.36 12.01
N LEU A 136 -12.41 -13.21 10.92
CA LEU A 136 -13.12 -14.33 10.29
C LEU A 136 -12.27 -15.38 9.61
N LEU A 137 -11.00 -15.06 9.36
CA LEU A 137 -10.09 -16.02 8.73
C LEU A 137 -9.28 -16.78 9.80
N GLN A 138 -9.72 -16.79 11.07
CA GLN A 138 -8.90 -17.47 12.11
C GLN A 138 -8.70 -18.92 11.76
N GLY A 139 -7.52 -19.43 12.09
CA GLY A 139 -7.21 -20.80 11.77
C GLY A 139 -6.24 -20.82 10.60
N LYS A 140 -6.30 -19.83 9.73
CA LYS A 140 -5.40 -19.80 8.55
C LYS A 140 -4.04 -19.27 8.88
N LEU A 141 -3.05 -19.72 8.14
CA LEU A 141 -1.75 -19.18 8.22
C LEU A 141 -1.50 -18.22 7.05
N ALA A 142 -0.71 -17.17 7.27
CA ALA A 142 -0.25 -16.32 6.14
C ALA A 142 1.22 -16.05 6.31
N LEU A 143 1.94 -15.79 5.20
CA LEU A 143 3.37 -15.57 5.21
C LEU A 143 3.67 -14.55 4.12
N LEU A 144 4.43 -13.50 4.43
CA LEU A 144 4.95 -12.56 3.39
C LEU A 144 6.37 -12.99 2.90
N SER A 145 6.49 -13.31 1.65
CA SER A 145 7.79 -13.53 1.02
C SER A 145 8.08 -12.31 0.15
N VAL A 146 9.00 -11.45 0.59
CA VAL A 146 9.26 -10.13 0.02
C VAL A 146 10.69 -10.11 -0.54
N THR A 147 10.90 -9.44 -1.68
CA THR A 147 12.22 -9.14 -2.14
C THR A 147 12.43 -7.61 -1.98
N THR A 148 13.68 -7.19 -1.80
CA THR A 148 13.91 -5.76 -1.59
C THR A 148 14.94 -5.25 -2.57
N GLY A 149 15.00 -3.91 -2.73
CA GLY A 149 16.13 -3.31 -3.44
C GLY A 149 17.28 -3.06 -2.42
N GLY A 150 16.93 -2.57 -1.24
CA GLY A 150 17.89 -2.19 -0.19
C GLY A 150 18.48 -3.41 0.54
N THR A 151 19.73 -3.28 1.04
CA THR A 151 20.47 -4.44 1.61
C THR A 151 20.03 -4.65 3.05
N ALA A 152 20.32 -5.83 3.62
CA ALA A 152 19.90 -6.07 4.99
C ALA A 152 20.45 -5.02 5.91
N GLU A 153 21.65 -4.53 5.62
CA GLU A 153 22.27 -3.53 6.53
C GLU A 153 21.45 -2.23 6.56
N MET A 154 20.99 -1.82 5.38
CA MET A 154 20.08 -0.64 5.26
C MET A 154 18.85 -0.82 6.08
N TYR A 155 18.34 -2.07 6.13
CA TYR A 155 17.17 -2.43 6.94
C TYR A 155 17.43 -2.81 8.43
N THR A 156 18.26 -2.01 9.10
CA THR A 156 18.44 -2.17 10.57
C THR A 156 17.95 -0.89 11.30
N LYS A 157 17.84 -0.94 12.64
CA LYS A 157 17.04 0.08 13.38
C LYS A 157 17.67 1.44 13.29
N THR A 158 18.97 1.42 13.00
CA THR A 158 19.74 2.65 12.91
C THR A 158 20.30 2.79 11.50
N GLY A 159 19.94 1.85 10.60
CA GLY A 159 20.17 2.00 9.16
C GLY A 159 19.20 3.02 8.57
N VAL A 160 19.42 3.42 7.32
CA VAL A 160 18.59 4.50 6.71
C VAL A 160 17.10 4.13 6.50
N ASN A 161 16.86 2.83 6.27
CA ASN A 161 15.51 2.35 5.99
C ASN A 161 14.74 2.02 7.27
N GLY A 162 15.45 2.00 8.39
CA GLY A 162 14.87 1.48 9.63
C GLY A 162 14.82 -0.05 9.56
N ASP A 163 14.31 -0.67 10.63
CA ASP A 163 14.22 -2.14 10.72
C ASP A 163 13.15 -2.64 9.71
N SER A 164 13.46 -3.69 8.95
CA SER A 164 12.44 -4.48 8.23
C SER A 164 11.13 -4.61 8.93
N ARG A 165 11.17 -4.87 10.25
CA ARG A 165 9.91 -5.08 10.93
C ARG A 165 9.00 -3.85 10.94
N TYR A 166 9.59 -2.66 10.74
CA TYR A 166 8.78 -1.44 10.83
C TYR A 166 7.81 -1.39 9.63
N PHE A 167 8.28 -1.77 8.46
CA PHE A 167 7.33 -1.66 7.27
C PHE A 167 6.37 -2.84 7.24
N LEU A 168 6.71 -3.89 7.97
CA LEU A 168 5.84 -5.05 8.06
C LEU A 168 4.54 -4.83 8.78
N TRP A 169 4.52 -3.86 9.68
CA TRP A 169 3.35 -3.62 10.50
C TRP A 169 1.99 -3.46 9.79
N PRO A 170 1.89 -2.59 8.74
CA PRO A 170 0.57 -2.50 8.09
C PRO A 170 0.16 -3.81 7.42
N LEU A 171 1.10 -4.58 6.91
CA LEU A 171 0.71 -5.84 6.21
C LEU A 171 0.40 -6.97 7.25
N GLN A 172 1.31 -7.21 8.16
CA GLN A 172 1.15 -8.34 9.11
C GLN A 172 0.10 -8.00 10.14
N HIS A 173 0.16 -6.76 10.68
CA HIS A 173 -0.76 -6.48 11.78
C HIS A 173 -2.04 -5.84 11.28
N GLY A 174 -1.97 -4.74 10.51
CA GLY A 174 -3.17 -3.99 10.11
C GLY A 174 -4.01 -4.84 9.15
N THR A 175 -3.40 -5.81 8.46
CA THR A 175 -4.13 -6.57 7.42
C THR A 175 -4.32 -8.04 7.80
N LEU A 176 -3.23 -8.79 7.85
CA LEU A 176 -3.30 -10.24 8.10
C LEU A 176 -3.85 -10.59 9.52
N HIS A 177 -3.20 -10.11 10.56
CA HIS A 177 -3.78 -10.27 11.94
C HIS A 177 -5.21 -9.78 12.08
N PHE A 178 -5.50 -8.59 11.55
CA PHE A 178 -6.82 -8.02 11.67
C PHE A 178 -7.84 -8.99 11.13
N CYS A 179 -7.43 -9.76 10.15
CA CYS A 179 -8.37 -10.68 9.49
C CYS A 179 -8.47 -12.02 10.23
N GLY A 180 -7.69 -12.24 11.28
CA GLY A 180 -7.62 -13.53 11.99
C GLY A 180 -6.44 -14.43 11.62
N PHE A 181 -5.62 -14.07 10.60
CA PHE A 181 -4.53 -14.92 10.24
C PHE A 181 -3.58 -15.03 11.39
N LYS A 182 -2.95 -16.20 11.51
CA LYS A 182 -1.76 -16.41 12.27
C LYS A 182 -0.67 -16.15 11.25
N VAL A 183 0.33 -15.38 11.64
CA VAL A 183 1.36 -14.92 10.71
C VAL A 183 2.69 -15.64 10.92
N LEU A 184 3.18 -16.35 9.90
CA LEU A 184 4.47 -16.99 9.99
C LEU A 184 5.52 -15.91 9.74
N ALA A 185 6.73 -16.12 10.27
CA ALA A 185 7.79 -15.14 10.11
C ALA A 185 7.93 -14.85 8.63
N PRO A 186 8.34 -13.62 8.27
CA PRO A 186 8.43 -13.24 6.86
C PRO A 186 9.64 -13.84 6.22
N GLN A 187 9.56 -14.17 4.95
CA GLN A 187 10.73 -14.52 4.29
C GLN A 187 11.17 -13.24 3.64
N ILE A 188 12.40 -12.75 3.89
CA ILE A 188 12.88 -11.54 3.21
C ILE A 188 14.10 -11.84 2.40
N SER A 189 14.04 -11.63 1.10
CA SER A 189 15.19 -11.92 0.32
C SER A 189 15.80 -10.58 -0.04
N PHE A 190 16.82 -10.17 0.74
CA PHE A 190 17.39 -8.80 0.56
C PHE A 190 18.21 -8.64 -0.66
N ALA A 191 17.90 -7.62 -1.47
CA ALA A 191 18.71 -7.18 -2.60
C ALA A 191 19.16 -8.20 -3.69
N PRO A 192 18.23 -9.02 -4.24
CA PRO A 192 18.76 -9.92 -5.28
C PRO A 192 19.49 -9.27 -6.46
N GLU A 193 19.15 -8.03 -6.86
CA GLU A 193 19.60 -7.57 -8.18
C GLU A 193 21.10 -7.32 -8.21
N ILE A 194 21.66 -7.15 -7.04
CA ILE A 194 23.08 -6.81 -6.93
C ILE A 194 23.83 -8.11 -6.61
N ALA A 195 23.23 -9.19 -7.15
CA ALA A 195 23.70 -10.59 -7.29
C ALA A 195 24.32 -11.06 -6.03
N SER A 196 25.34 -11.94 -6.03
CA SER A 196 25.80 -12.76 -7.16
C SER A 196 24.84 -13.94 -7.44
N GLU A 197 25.10 -14.52 -8.62
CA GLU A 197 24.52 -15.76 -9.13
C GLU A 197 24.45 -16.88 -8.10
N GLU A 198 25.54 -17.07 -7.36
CA GLU A 198 25.58 -18.03 -6.25
C GLU A 198 24.79 -17.60 -5.04
N GLU A 199 24.86 -16.33 -4.64
CA GLU A 199 24.12 -15.90 -3.41
C GLU A 199 22.59 -15.88 -3.66
N ARG A 200 22.24 -15.57 -4.91
CA ARG A 200 20.88 -15.67 -5.39
C ARG A 200 20.37 -17.11 -5.31
N LYS A 201 21.18 -18.06 -5.77
CA LYS A 201 20.84 -19.50 -5.67
C LYS A 201 20.64 -19.85 -4.23
N GLY A 202 21.50 -19.31 -3.41
CA GLY A 202 21.43 -19.53 -1.99
C GLY A 202 20.14 -19.05 -1.36
N MET A 203 19.57 -17.97 -1.90
CA MET A 203 18.40 -17.41 -1.23
C MET A 203 17.18 -18.22 -1.66
N VAL A 204 17.18 -18.64 -2.93
CA VAL A 204 16.13 -19.50 -3.51
C VAL A 204 16.15 -20.85 -2.75
N ALA A 205 17.35 -21.38 -2.50
CA ALA A 205 17.50 -22.65 -1.81
C ALA A 205 17.12 -22.55 -0.35
N ALA A 206 17.34 -21.42 0.33
CA ALA A 206 16.88 -21.36 1.71
C ALA A 206 15.35 -21.33 1.85
N TRP A 207 14.71 -20.67 0.88
CA TRP A 207 13.24 -20.57 0.82
C TRP A 207 12.67 -21.98 0.58
N SER A 208 13.25 -22.68 -0.38
CA SER A 208 12.86 -24.07 -0.66
C SER A 208 13.05 -24.93 0.60
N GLN A 209 14.25 -24.89 1.20
CA GLN A 209 14.46 -25.56 2.52
C GLN A 209 13.53 -25.18 3.60
N ARG A 210 13.25 -23.88 3.79
CA ARG A 210 12.26 -23.51 4.77
C ARG A 210 10.87 -24.12 4.52
N LEU A 211 10.47 -24.17 3.26
CA LEU A 211 9.15 -24.70 2.93
C LEU A 211 9.05 -26.19 3.27
N GLN A 212 10.15 -26.93 3.21
CA GLN A 212 10.15 -28.31 3.78
C GLN A 212 9.49 -28.48 5.16
N THR A 213 9.66 -27.54 6.10
CA THR A 213 9.13 -27.72 7.46
C THR A 213 8.22 -26.61 7.90
N ILE A 214 7.60 -25.99 6.89
CA ILE A 214 6.75 -24.84 7.08
C ILE A 214 5.60 -25.19 8.02
N TRP A 215 5.01 -26.39 7.89
CA TRP A 215 3.89 -26.87 8.74
C TRP A 215 4.30 -27.11 10.20
N LYS A 216 5.61 -27.13 10.47
CA LYS A 216 6.10 -27.29 11.84
C LYS A 216 6.28 -25.94 12.60
N GLU A 217 6.36 -24.85 11.85
CA GLU A 217 6.53 -23.53 12.41
C GLU A 217 5.42 -23.01 13.32
N GLU A 218 5.83 -22.25 14.33
CA GLU A 218 4.95 -21.48 15.18
C GLU A 218 4.79 -20.05 14.56
N PRO A 219 3.58 -19.49 14.59
CA PRO A 219 3.36 -18.08 14.23
C PRO A 219 4.22 -17.10 15.07
N ILE A 220 4.41 -15.89 14.58
CA ILE A 220 5.01 -14.85 15.39
C ILE A 220 3.98 -14.30 16.37
N PRO A 221 4.44 -13.64 17.46
CA PRO A 221 3.43 -12.97 18.27
C PRO A 221 3.18 -11.63 17.55
N CYS A 222 1.99 -11.41 17.00
CA CYS A 222 1.89 -10.30 16.01
C CYS A 222 1.55 -9.04 16.82
N THR A 223 2.56 -8.45 17.42
CA THR A 223 2.30 -7.42 18.44
C THR A 223 3.08 -6.21 18.08
N ALA A 224 2.63 -5.07 18.62
CA ALA A 224 3.44 -3.85 18.57
C ALA A 224 4.86 -4.11 19.07
N HIS A 225 4.97 -4.95 20.11
CA HIS A 225 6.24 -5.31 20.67
C HIS A 225 7.16 -6.09 19.69
N TRP A 226 6.64 -7.12 19.00
CA TRP A 226 7.46 -7.78 17.99
C TRP A 226 7.99 -6.81 16.91
N HIS A 227 7.14 -5.87 16.46
CA HIS A 227 7.51 -5.01 15.31
C HIS A 227 8.43 -3.85 15.70
N PHE A 228 8.21 -3.32 16.89
CA PHE A 228 8.86 -2.08 17.30
C PHE A 228 9.70 -2.19 18.58
N GLY A 229 9.26 -3.05 19.52
CA GLY A 229 9.81 -3.08 20.90
C GLY A 229 11.17 -3.74 21.03
N GLN A 230 11.54 -4.11 22.27
CA GLN A 230 12.79 -4.85 22.53
C GLN A 230 12.53 -6.31 23.03
N ALA B 1 0.36 31.94 -0.05
CA ALA B 1 0.83 33.11 -0.89
C ALA B 1 0.92 32.67 -2.36
N GLY B 2 2.04 33.11 -3.04
CA GLY B 2 2.53 32.69 -4.40
C GLY B 2 3.13 31.27 -4.45
N LYS B 3 2.27 30.29 -4.32
CA LYS B 3 2.72 28.92 -4.22
C LYS B 3 1.76 28.10 -5.04
N LYS B 4 2.23 26.92 -5.50
CA LYS B 4 1.39 25.93 -6.15
C LYS B 4 1.14 24.76 -5.20
N VAL B 5 -0.12 24.31 -5.12
CA VAL B 5 -0.44 23.12 -4.36
C VAL B 5 -1.05 22.08 -5.35
N LEU B 6 -0.59 20.84 -5.23
CA LEU B 6 -1.23 19.69 -5.83
C LEU B 6 -1.90 18.87 -4.74
N ILE B 7 -3.19 18.66 -4.92
CA ILE B 7 -3.90 17.69 -4.06
C ILE B 7 -4.12 16.38 -4.83
N VAL B 8 -3.54 15.30 -4.33
CA VAL B 8 -3.79 13.96 -4.94
C VAL B 8 -4.93 13.34 -4.12
N TYR B 9 -6.07 13.11 -4.74
CA TYR B 9 -7.31 12.78 -3.99
C TYR B 9 -7.81 11.41 -4.41
N ALA B 10 -8.18 10.58 -3.44
CA ALA B 10 -8.51 9.16 -3.72
C ALA B 10 -9.76 8.76 -2.96
N HIS B 11 -10.91 9.19 -3.49
CA HIS B 11 -12.22 8.75 -2.94
C HIS B 11 -13.21 8.70 -4.12
N GLN B 12 -14.05 7.68 -4.11
CA GLN B 12 -15.02 7.43 -5.16
C GLN B 12 -16.21 8.38 -5.14
N GLU B 13 -16.45 9.01 -4.00
CA GLU B 13 -17.70 9.72 -3.80
C GLU B 13 -17.49 11.19 -3.42
N PRO B 14 -17.91 12.08 -4.30
CA PRO B 14 -17.76 13.53 -4.09
C PRO B 14 -18.48 14.01 -2.80
N LYS B 15 -19.55 13.30 -2.36
CA LYS B 15 -20.26 13.77 -1.20
C LYS B 15 -19.67 13.20 0.05
N SER B 16 -18.50 12.53 -0.04
CA SER B 16 -17.91 11.87 1.12
C SER B 16 -17.26 12.90 2.03
N PHE B 17 -16.96 12.44 3.22
CA PHE B 17 -16.18 13.17 4.15
C PHE B 17 -14.79 13.49 3.51
N ASN B 18 -14.19 12.53 2.79
CA ASN B 18 -12.95 12.90 2.07
C ASN B 18 -13.20 13.99 1.06
N GLY B 19 -14.28 13.89 0.32
CA GLY B 19 -14.59 14.89 -0.67
C GLY B 19 -14.71 16.27 -0.05
N SER B 20 -15.36 16.36 1.11
CA SER B 20 -15.49 17.62 1.84
C SER B 20 -14.11 18.21 2.26
N LEU B 21 -13.21 17.34 2.66
CA LEU B 21 -11.89 17.75 3.14
C LEU B 21 -11.10 18.24 1.94
N LYS B 22 -11.29 17.59 0.79
CA LYS B 22 -10.58 18.01 -0.42
C LYS B 22 -11.16 19.40 -0.83
N ASN B 23 -12.48 19.54 -0.80
CA ASN B 23 -13.04 20.81 -1.26
C ASN B 23 -12.74 21.97 -0.34
N VAL B 24 -12.70 21.75 1.01
CA VAL B 24 -12.32 22.85 1.87
C VAL B 24 -10.86 23.22 1.65
N ALA B 25 -10.00 22.23 1.35
CA ALA B 25 -8.63 22.58 1.01
C ALA B 25 -8.57 23.42 -0.23
N VAL B 26 -9.32 23.02 -1.27
CA VAL B 26 -9.30 23.83 -2.54
C VAL B 26 -9.83 25.25 -2.20
N ASP B 27 -10.92 25.33 -1.48
CA ASP B 27 -11.59 26.64 -1.17
C ASP B 27 -10.62 27.51 -0.37
N GLU B 28 -10.02 26.95 0.66
CA GLU B 28 -9.09 27.73 1.53
C GLU B 28 -7.77 28.15 0.83
N LEU B 29 -7.14 27.22 0.14
CA LEU B 29 -5.94 27.59 -0.57
C LEU B 29 -6.22 28.59 -1.72
N SER B 30 -7.32 28.39 -2.44
CA SER B 30 -7.71 29.33 -3.52
C SER B 30 -8.01 30.73 -2.92
N ARG B 31 -8.70 30.77 -1.77
CA ARG B 31 -8.93 32.04 -1.02
C ARG B 31 -7.66 32.75 -0.74
N GLN B 32 -6.61 32.01 -0.42
CA GLN B 32 -5.33 32.65 -0.05
C GLN B 32 -4.64 33.16 -1.28
N GLY B 33 -5.12 32.77 -2.46
CA GLY B 33 -4.42 33.19 -3.67
C GLY B 33 -3.44 32.14 -4.19
N CYS B 34 -3.37 30.96 -3.55
CA CYS B 34 -2.56 29.85 -4.11
C CYS B 34 -3.10 29.33 -5.45
N THR B 35 -2.19 28.78 -6.26
CA THR B 35 -2.51 28.03 -7.47
C THR B 35 -2.77 26.59 -7.05
N VAL B 36 -3.92 26.06 -7.44
CA VAL B 36 -4.30 24.79 -6.88
C VAL B 36 -4.71 23.86 -8.01
N THR B 37 -4.20 22.62 -7.93
CA THR B 37 -4.55 21.53 -8.86
C THR B 37 -5.01 20.29 -8.07
N VAL B 38 -6.01 19.55 -8.57
CA VAL B 38 -6.45 18.31 -7.90
C VAL B 38 -6.32 17.22 -8.95
N SER B 39 -5.69 16.12 -8.56
CA SER B 39 -5.73 14.91 -9.40
C SER B 39 -6.75 14.00 -8.69
N ASP B 40 -7.98 13.89 -9.25
CA ASP B 40 -9.01 13.07 -8.61
C ASP B 40 -8.88 11.67 -9.25
N LEU B 41 -8.13 10.80 -8.58
CA LEU B 41 -7.71 9.59 -9.21
C LEU B 41 -8.86 8.72 -9.76
N TYR B 42 -9.89 8.50 -8.97
CA TYR B 42 -10.97 7.60 -9.46
C TYR B 42 -11.68 8.22 -10.66
N ALA B 43 -11.85 9.54 -10.65
CA ALA B 43 -12.55 10.21 -11.75
C ALA B 43 -11.71 10.15 -12.99
N MET B 44 -10.39 10.19 -12.82
CA MET B 44 -9.48 10.05 -13.96
C MET B 44 -9.35 8.54 -14.39
N ASN B 45 -9.96 7.60 -13.63
CA ASN B 45 -9.72 6.17 -13.81
C ASN B 45 -8.20 5.85 -13.90
N PHE B 46 -7.43 6.46 -12.99
CA PHE B 46 -6.00 6.34 -12.94
C PHE B 46 -5.57 4.87 -12.89
N GLU B 47 -4.63 4.50 -13.78
CA GLU B 47 -4.12 3.15 -13.90
C GLU B 47 -3.17 2.87 -12.70
N PRO B 48 -3.50 1.89 -11.86
CA PRO B 48 -2.54 1.68 -10.72
C PRO B 48 -1.46 0.63 -11.02
N ARG B 49 -1.62 -0.22 -12.05
CA ARG B 49 -0.65 -1.32 -12.26
C ARG B 49 0.63 -0.90 -12.94
N ALA B 50 1.74 -1.34 -12.37
CA ALA B 50 3.08 -1.07 -12.90
C ALA B 50 3.28 -2.13 -13.99
N THR B 51 3.12 -1.75 -15.24
CA THR B 51 3.27 -2.75 -16.29
C THR B 51 4.17 -2.25 -17.40
N ASP B 52 4.45 -3.13 -18.37
CA ASP B 52 5.23 -2.78 -19.53
C ASP B 52 4.53 -1.84 -20.50
N LYS B 53 3.25 -1.60 -20.29
CA LYS B 53 2.57 -0.56 -21.03
C LYS B 53 3.00 0.86 -20.59
N ASP B 54 3.71 0.97 -19.49
CA ASP B 54 4.14 2.31 -19.02
C ASP B 54 5.34 2.80 -19.79
N ILE B 55 5.92 1.94 -20.64
CA ILE B 55 7.04 2.36 -21.48
C ILE B 55 6.62 2.23 -22.94
N THR B 56 6.88 3.25 -23.73
CA THR B 56 6.44 3.16 -25.14
C THR B 56 7.63 2.92 -26.12
N GLY B 57 8.86 3.04 -25.63
CA GLY B 57 10.03 2.85 -26.52
C GLY B 57 10.63 1.46 -26.54
N THR B 58 11.79 1.32 -27.18
CA THR B 58 12.51 0.06 -27.16
C THR B 58 12.92 -0.19 -25.72
N LEU B 59 12.65 -1.40 -25.23
CA LEU B 59 13.06 -1.77 -23.86
C LEU B 59 14.53 -1.96 -23.77
N SER B 60 15.09 -1.60 -22.63
CA SER B 60 16.49 -1.85 -22.35
C SER B 60 16.86 -3.34 -22.42
N ASN B 61 16.02 -4.21 -21.86
CA ASN B 61 16.24 -5.63 -21.92
C ASN B 61 14.90 -6.25 -22.24
N PRO B 62 14.56 -6.39 -23.52
CA PRO B 62 13.19 -6.92 -23.75
C PRO B 62 12.99 -8.42 -23.34
N GLU B 63 14.10 -9.14 -23.09
CA GLU B 63 14.16 -10.56 -22.69
C GLU B 63 13.66 -10.81 -21.24
N VAL B 64 14.05 -9.94 -20.31
CA VAL B 64 13.65 -10.04 -18.91
C VAL B 64 13.19 -8.62 -18.48
N PHE B 65 11.91 -8.45 -18.19
CA PHE B 65 11.37 -7.11 -17.93
C PHE B 65 11.59 -6.78 -16.45
N ASN B 66 12.22 -5.64 -16.17
CA ASN B 66 12.43 -5.13 -14.84
C ASN B 66 11.80 -3.74 -14.84
N TYR B 67 10.68 -3.59 -14.11
CA TYR B 67 9.91 -2.35 -14.14
C TYR B 67 10.76 -1.14 -13.74
N GLY B 68 11.58 -1.28 -12.69
CA GLY B 68 12.31 -0.10 -12.18
C GLY B 68 13.40 0.33 -13.19
N VAL B 69 14.13 -0.65 -13.75
CA VAL B 69 15.18 -0.37 -14.77
C VAL B 69 14.51 0.27 -16.01
N GLU B 70 13.48 -0.39 -16.49
CA GLU B 70 12.81 0.13 -17.70
C GLU B 70 12.15 1.52 -17.54
N THR B 71 11.55 1.79 -16.36
CA THR B 71 10.96 3.11 -16.24
C THR B 71 12.01 4.18 -16.00
N HIS B 72 13.13 3.83 -15.36
CA HIS B 72 14.18 4.79 -15.15
C HIS B 72 14.72 5.23 -16.55
N GLU B 73 14.97 4.22 -17.38
CA GLU B 73 15.43 4.48 -18.74
C GLU B 73 14.41 5.23 -19.55
N ALA B 74 13.14 4.85 -19.41
CA ALA B 74 12.13 5.57 -20.14
C ALA B 74 11.99 7.02 -19.69
N TYR B 75 12.16 7.27 -18.40
CA TYR B 75 12.07 8.63 -17.92
C TYR B 75 13.16 9.48 -18.64
N LYS B 76 14.41 8.99 -18.65
CA LYS B 76 15.52 9.69 -19.30
C LYS B 76 15.33 9.91 -20.80
N GLN B 77 14.66 8.96 -21.45
CA GLN B 77 14.50 8.98 -22.91
C GLN B 77 13.25 9.69 -23.33
N ARG B 78 12.36 9.97 -22.36
CA ARG B 78 11.02 10.47 -22.57
C ARG B 78 10.15 9.53 -23.32
N SER B 79 10.17 8.26 -22.90
CA SER B 79 9.24 7.31 -23.49
C SER B 79 8.23 6.73 -22.49
N LEU B 80 8.02 7.41 -21.35
CA LEU B 80 6.95 6.95 -20.37
C LEU B 80 5.58 7.25 -20.91
N ALA B 81 4.57 6.49 -20.48
CA ALA B 81 3.19 6.76 -20.90
C ALA B 81 2.87 8.17 -20.42
N SER B 82 2.04 8.82 -21.20
CA SER B 82 1.73 10.22 -20.91
C SER B 82 0.91 10.43 -19.63
N ASP B 83 0.22 9.40 -19.15
CA ASP B 83 -0.55 9.61 -17.91
C ASP B 83 0.42 9.83 -16.73
N ILE B 84 1.57 9.13 -16.81
CA ILE B 84 2.62 9.27 -15.80
C ILE B 84 3.26 10.66 -15.94
N THR B 85 3.64 11.07 -17.15
CA THR B 85 4.33 12.34 -17.28
C THR B 85 3.38 13.50 -16.99
N ASP B 86 2.09 13.37 -17.30
CA ASP B 86 1.12 14.41 -16.85
C ASP B 86 1.19 14.64 -15.32
N GLU B 87 1.28 13.54 -14.55
CA GLU B 87 1.29 13.70 -13.08
C GLU B 87 2.65 14.29 -12.60
N GLN B 88 3.71 13.88 -13.25
CA GLN B 88 5.05 14.41 -12.94
C GLN B 88 5.16 15.90 -13.12
N LYS B 89 4.53 16.42 -14.17
CA LYS B 89 4.55 17.85 -14.35
C LYS B 89 3.84 18.57 -13.21
N LYS B 90 2.73 18.01 -12.73
CA LYS B 90 2.01 18.60 -11.57
C LYS B 90 2.88 18.62 -10.32
N VAL B 91 3.55 17.49 -10.10
CA VAL B 91 4.40 17.38 -8.92
C VAL B 91 5.64 18.32 -9.09
N ARG B 92 6.23 18.34 -10.26
CA ARG B 92 7.46 19.16 -10.49
C ARG B 92 7.17 20.62 -10.18
N GLU B 93 5.99 21.10 -10.60
CA GLU B 93 5.64 22.52 -10.38
C GLU B 93 5.13 22.83 -8.97
N ALA B 94 4.65 21.81 -8.25
CA ALA B 94 4.08 22.04 -6.91
C ALA B 94 5.12 22.37 -5.83
N ASP B 95 4.73 23.29 -4.96
CA ASP B 95 5.48 23.60 -3.75
C ASP B 95 5.03 22.71 -2.58
N LEU B 96 3.76 22.29 -2.62
CA LEU B 96 3.20 21.42 -1.57
C LEU B 96 2.32 20.39 -2.24
N VAL B 97 2.43 19.15 -1.79
CA VAL B 97 1.57 18.07 -2.32
C VAL B 97 0.80 17.55 -1.13
N ILE B 98 -0.53 17.67 -1.18
CA ILE B 98 -1.42 17.06 -0.18
C ILE B 98 -2.06 15.79 -0.72
N PHE B 99 -2.01 14.70 0.08
CA PHE B 99 -2.70 13.47 -0.24
C PHE B 99 -3.93 13.38 0.60
N GLN B 100 -5.10 13.28 -0.04
CA GLN B 100 -6.39 13.18 0.70
C GLN B 100 -6.99 11.79 0.44
N PHE B 101 -7.05 10.94 1.49
CA PHE B 101 -7.53 9.58 1.28
C PHE B 101 -8.07 8.92 2.58
N PRO B 102 -8.97 7.96 2.40
CA PRO B 102 -9.34 7.11 3.53
C PRO B 102 -8.29 6.04 3.72
N LEU B 103 -8.01 5.70 4.97
CA LEU B 103 -7.07 4.65 5.24
C LEU B 103 -7.69 3.33 4.79
N TYR B 104 -6.95 2.55 4.00
CA TYR B 104 -7.33 1.19 3.54
C TYR B 104 -6.22 0.26 3.97
N TRP B 105 -6.52 -0.62 4.93
CA TRP B 105 -5.49 -1.54 5.40
C TRP B 105 -4.21 -0.84 5.87
N PHE B 106 -4.41 0.20 6.68
CA PHE B 106 -3.27 0.85 7.36
C PHE B 106 -2.38 1.51 6.29
N SER B 107 -2.98 1.84 5.14
CA SER B 107 -2.18 2.40 4.03
C SER B 107 -3.11 3.20 3.11
N VAL B 108 -2.58 3.55 1.92
CA VAL B 108 -3.41 4.23 0.94
C VAL B 108 -4.25 3.21 0.11
N PRO B 109 -5.39 3.65 -0.41
CA PRO B 109 -6.12 2.82 -1.36
C PRO B 109 -5.19 2.48 -2.51
N ALA B 110 -5.44 1.33 -3.13
CA ALA B 110 -4.58 0.87 -4.20
C ALA B 110 -4.41 1.83 -5.35
N ILE B 111 -5.48 2.54 -5.70
CA ILE B 111 -5.37 3.47 -6.85
C ILE B 111 -4.31 4.57 -6.54
N LEU B 112 -4.24 4.99 -5.28
CA LEU B 112 -3.22 5.92 -4.85
C LEU B 112 -1.87 5.22 -4.68
N LYS B 113 -1.83 4.01 -4.17
CA LYS B 113 -0.54 3.29 -4.16
C LYS B 113 0.03 3.23 -5.61
N GLY B 114 -0.84 3.03 -6.61
CA GLY B 114 -0.39 2.97 -8.03
C GLY B 114 0.17 4.29 -8.54
N TRP B 115 -0.44 5.40 -8.14
CA TRP B 115 0.11 6.71 -8.39
C TRP B 115 1.54 6.78 -7.79
N MET B 116 1.74 6.33 -6.54
CA MET B 116 3.09 6.45 -6.00
CA MET B 116 3.09 6.37 -5.95
C MET B 116 4.02 5.50 -6.77
N ASP B 117 3.54 4.27 -7.09
CA ASP B 117 4.45 3.33 -7.73
C ASP B 117 4.86 3.81 -9.12
N ARG B 118 3.92 4.40 -9.87
CA ARG B 118 4.20 4.74 -11.24
C ARG B 118 4.68 6.18 -11.43
N VAL B 119 4.25 7.12 -10.58
CA VAL B 119 4.66 8.51 -10.84
C VAL B 119 6.04 8.83 -10.25
N LEU B 120 6.33 8.22 -9.10
CA LEU B 120 7.61 8.52 -8.38
C LEU B 120 8.74 7.66 -8.87
N CYS B 121 9.03 7.71 -10.17
CA CYS B 121 10.03 6.81 -10.76
C CYS B 121 11.47 7.30 -10.56
N GLN B 122 12.42 6.36 -10.73
CA GLN B 122 13.83 6.70 -10.54
C GLN B 122 14.19 7.66 -11.69
N GLY B 123 14.98 8.69 -11.38
CA GLY B 123 15.26 9.73 -12.40
C GLY B 123 14.38 10.96 -12.22
N PHE B 124 13.13 10.74 -11.78
CA PHE B 124 12.21 11.85 -11.52
C PHE B 124 12.21 12.20 -10.03
N ALA B 125 11.92 11.22 -9.16
CA ALA B 125 11.68 11.48 -7.73
C ALA B 125 12.89 11.16 -6.83
N PHE B 126 13.74 10.26 -7.29
CA PHE B 126 14.97 9.88 -6.61
C PHE B 126 15.96 9.34 -7.62
N ASP B 127 17.19 9.16 -7.17
N ASP B 127 17.22 9.24 -7.20
CA ASP B 127 18.16 8.37 -7.95
CA ASP B 127 18.27 8.56 -7.97
C ASP B 127 19.02 7.66 -6.94
C ASP B 127 19.02 7.69 -6.96
N ILE B 128 19.84 6.76 -7.45
CA ILE B 128 20.62 5.89 -6.59
C ILE B 128 22.02 6.22 -7.07
N PRO B 129 22.74 7.17 -6.39
CA PRO B 129 22.35 7.88 -5.15
C PRO B 129 21.53 9.14 -5.43
N GLY B 130 20.93 9.73 -4.39
CA GLY B 130 20.02 10.84 -4.54
C GLY B 130 18.68 10.47 -3.93
N PHE B 131 18.71 10.16 -2.65
CA PHE B 131 17.47 9.82 -1.93
C PHE B 131 17.50 10.30 -0.50
N TYR B 132 16.39 10.13 0.25
CA TYR B 132 16.22 10.69 1.57
C TYR B 132 16.56 12.19 1.50
N ASP B 133 17.52 12.68 2.31
CA ASP B 133 17.68 14.16 2.26
C ASP B 133 18.28 14.59 0.93
N SER B 134 18.77 13.64 0.13
CA SER B 134 19.23 13.98 -1.19
C SER B 134 18.21 13.65 -2.32
N GLY B 135 16.94 13.28 -1.97
CA GLY B 135 15.94 12.94 -2.97
C GLY B 135 15.72 14.05 -3.98
N LEU B 136 15.16 13.73 -5.17
CA LEU B 136 15.12 14.76 -6.19
C LEU B 136 13.99 15.73 -5.99
N LEU B 137 12.99 15.42 -5.14
CA LEU B 137 11.97 16.40 -4.85
C LEU B 137 12.31 17.25 -3.61
N GLN B 138 13.59 17.38 -3.26
CA GLN B 138 13.97 18.31 -2.21
C GLN B 138 13.46 19.74 -2.43
N GLY B 139 13.07 20.37 -1.34
CA GLY B 139 12.52 21.72 -1.40
C GLY B 139 11.01 21.63 -1.24
N LYS B 140 10.41 20.48 -1.62
CA LYS B 140 8.97 20.41 -1.69
C LYS B 140 8.44 19.96 -0.39
N LEU B 141 7.21 20.34 -0.12
CA LEU B 141 6.48 19.93 1.11
C LEU B 141 5.40 18.86 0.75
N ALA B 142 5.19 17.90 1.64
CA ALA B 142 4.13 16.97 1.47
C ALA B 142 3.37 16.79 2.79
N LEU B 143 2.08 16.45 2.69
CA LEU B 143 1.26 16.27 3.90
C LEU B 143 0.22 15.18 3.62
N LEU B 144 0.10 14.19 4.51
CA LEU B 144 -0.98 13.22 4.46
C LEU B 144 -2.24 13.64 5.27
N SER B 145 -3.36 13.78 4.58
CA SER B 145 -4.64 14.04 5.22
C SER B 145 -5.44 12.75 5.10
N VAL B 146 -5.65 12.05 6.22
CA VAL B 146 -6.06 10.68 6.21
C VAL B 146 -7.35 10.65 7.03
N THR B 147 -8.32 9.84 6.60
CA THR B 147 -9.52 9.56 7.45
C THR B 147 -9.48 8.07 7.87
N THR B 148 -10.10 7.70 9.01
CA THR B 148 -10.06 6.34 9.46
C THR B 148 -11.46 5.83 9.78
N GLY B 149 -11.62 4.51 9.67
CA GLY B 149 -12.67 3.78 10.39
C GLY B 149 -12.49 3.81 11.90
N GLY B 150 -11.28 3.56 12.37
CA GLY B 150 -10.94 3.40 13.77
C GLY B 150 -10.90 4.73 14.56
N THR B 151 -11.25 4.68 15.85
CA THR B 151 -11.24 5.93 16.68
C THR B 151 -9.83 6.26 17.15
N ALA B 152 -9.66 7.48 17.64
CA ALA B 152 -8.36 7.94 18.07
C ALA B 152 -7.87 7.06 19.23
N GLU B 153 -8.81 6.65 20.11
CA GLU B 153 -8.40 5.70 21.18
C GLU B 153 -7.83 4.36 20.72
N MET B 154 -8.44 3.80 19.67
CA MET B 154 -7.90 2.59 19.02
C MET B 154 -6.48 2.78 18.51
N TYR B 155 -6.22 3.97 17.98
CA TYR B 155 -4.92 4.26 17.44
C TYR B 155 -4.01 4.90 18.44
N THR B 156 -3.86 4.25 19.61
CA THR B 156 -2.87 4.64 20.60
C THR B 156 -1.93 3.47 20.87
N LYS B 157 -0.79 3.76 21.51
CA LYS B 157 0.18 2.73 21.82
C LYS B 157 -0.42 1.48 22.48
N THR B 158 -1.47 1.65 23.30
CA THR B 158 -2.00 0.45 23.94
C THR B 158 -3.42 0.17 23.50
N GLY B 159 -3.84 0.86 22.43
CA GLY B 159 -5.11 0.55 21.73
C GLY B 159 -4.87 -0.61 20.78
N VAL B 160 -5.94 -1.17 20.25
CA VAL B 160 -5.85 -2.37 19.40
C VAL B 160 -5.05 -2.16 18.10
N ASN B 161 -5.22 -0.97 17.49
CA ASN B 161 -4.51 -0.62 16.24
C ASN B 161 -3.06 -0.17 16.44
N GLY B 162 -2.65 0.10 17.70
CA GLY B 162 -1.31 0.68 17.93
C GLY B 162 -1.36 2.19 17.60
N ASP B 163 -0.28 2.90 17.85
CA ASP B 163 -0.29 4.33 17.57
C ASP B 163 -0.50 4.64 16.08
N SER B 164 -1.28 5.70 15.77
CA SER B 164 -1.45 6.17 14.38
C SER B 164 -0.11 6.40 13.71
N ARG B 165 0.89 6.93 14.44
CA ARG B 165 2.19 7.14 13.73
C ARG B 165 2.81 5.85 13.14
N TYR B 166 2.55 4.70 13.76
CA TYR B 166 3.19 3.49 13.30
C TYR B 166 2.89 3.19 11.80
N PHE B 167 1.64 3.37 11.40
CA PHE B 167 1.23 3.06 10.00
C PHE B 167 1.67 4.20 9.03
N LEU B 168 2.02 5.35 9.57
CA LEU B 168 2.61 6.45 8.73
C LEU B 168 3.99 6.19 8.15
N TRP B 169 4.79 5.31 8.79
CA TRP B 169 6.17 5.09 8.42
C TRP B 169 6.46 4.82 6.89
N PRO B 170 5.77 3.83 6.29
CA PRO B 170 6.09 3.52 4.89
C PRO B 170 5.76 4.67 3.96
N LEU B 171 4.77 5.48 4.30
CA LEU B 171 4.33 6.60 3.46
C LEU B 171 5.18 7.84 3.75
N GLN B 172 5.28 8.25 5.01
CA GLN B 172 6.11 9.42 5.29
C GLN B 172 7.60 9.21 5.04
N HIS B 173 8.13 8.07 5.46
CA HIS B 173 9.55 7.95 5.44
C HIS B 173 9.95 7.15 4.23
N GLY B 174 9.25 6.03 4.06
CA GLY B 174 9.71 5.14 2.99
C GLY B 174 9.42 5.78 1.62
N THR B 175 8.39 6.62 1.56
CA THR B 175 8.06 7.19 0.24
C THR B 175 8.43 8.69 0.13
N LEU B 176 7.82 9.53 0.95
CA LEU B 176 7.90 11.00 0.78
C LEU B 176 9.29 11.46 1.18
N HIS B 177 9.79 11.06 2.35
CA HIS B 177 11.16 11.44 2.77
C HIS B 177 12.17 10.86 1.80
N PHE B 178 11.95 9.61 1.36
CA PHE B 178 12.89 9.01 0.42
C PHE B 178 13.08 9.82 -0.86
N CYS B 179 11.98 10.40 -1.36
CA CYS B 179 11.97 11.29 -2.54
C CYS B 179 12.49 12.72 -2.26
N GLY B 180 12.85 12.98 -1.00
CA GLY B 180 13.35 14.32 -0.65
C GLY B 180 12.31 15.30 -0.06
N PHE B 181 11.04 14.89 0.07
CA PHE B 181 10.06 15.85 0.52
C PHE B 181 10.35 16.14 1.97
N LYS B 182 10.07 17.36 2.36
CA LYS B 182 9.89 17.64 3.79
C LYS B 182 8.42 17.33 4.08
N VAL B 183 8.20 16.60 5.16
CA VAL B 183 6.89 16.14 5.55
C VAL B 183 6.25 17.00 6.62
N LEU B 184 5.10 17.58 6.31
CA LEU B 184 4.37 18.28 7.34
C LEU B 184 3.60 17.25 8.16
N ALA B 185 3.22 17.66 9.35
CA ALA B 185 2.48 16.80 10.26
C ALA B 185 1.19 16.31 9.59
N PRO B 186 0.86 15.02 9.78
CA PRO B 186 -0.29 14.48 9.15
C PRO B 186 -1.53 15.11 9.71
N GLN B 187 -2.55 15.25 8.87
CA GLN B 187 -3.87 15.58 9.37
C GLN B 187 -4.64 14.30 9.49
N ILE B 188 -4.96 13.84 10.71
CA ILE B 188 -5.80 12.60 10.77
C ILE B 188 -7.17 12.91 11.32
N SER B 189 -8.18 12.66 10.49
CA SER B 189 -9.58 12.82 10.82
C SER B 189 -10.21 11.47 11.24
N PHE B 190 -10.20 11.19 12.55
CA PHE B 190 -10.59 9.87 13.09
C PHE B 190 -12.10 9.61 13.05
N ALA B 191 -12.44 8.45 12.51
CA ALA B 191 -13.77 7.84 12.64
C ALA B 191 -14.92 8.74 12.31
N PRO B 192 -14.89 9.42 11.14
CA PRO B 192 -16.00 10.32 10.86
C PRO B 192 -17.33 9.59 10.70
N GLU B 193 -17.31 8.31 10.31
CA GLU B 193 -18.60 7.59 10.14
C GLU B 193 -19.32 7.44 11.47
N ILE B 194 -18.58 7.29 12.56
CA ILE B 194 -19.09 7.15 13.97
C ILE B 194 -19.43 8.53 14.60
N ALA B 195 -18.70 9.56 14.18
CA ALA B 195 -18.75 10.83 14.88
C ALA B 195 -20.12 11.52 14.73
N SER B 196 -20.48 12.39 15.68
CA SER B 196 -21.73 13.16 15.56
C SER B 196 -21.61 14.21 14.49
N GLU B 197 -22.74 14.80 14.11
CA GLU B 197 -22.78 15.90 13.15
C GLU B 197 -21.84 17.06 13.45
N GLU B 198 -21.66 17.36 14.74
CA GLU B 198 -20.92 18.53 15.25
C GLU B 198 -19.43 18.20 15.36
N GLU B 199 -19.13 16.93 15.64
CA GLU B 199 -17.76 16.49 15.61
C GLU B 199 -17.29 16.48 14.13
N ARG B 200 -18.17 16.07 13.20
CA ARG B 200 -17.79 16.05 11.78
C ARG B 200 -17.52 17.45 11.22
N LYS B 201 -18.46 18.37 11.48
CA LYS B 201 -18.24 19.80 11.24
C LYS B 201 -16.99 20.33 11.89
N GLY B 202 -16.72 19.93 13.11
CA GLY B 202 -15.52 20.42 13.75
C GLY B 202 -14.25 19.90 13.09
N MET B 203 -14.28 18.63 12.64
CA MET B 203 -13.12 18.08 11.95
C MET B 203 -12.83 18.77 10.61
N VAL B 204 -13.86 19.06 9.85
CA VAL B 204 -13.72 19.86 8.63
C VAL B 204 -13.11 21.25 8.94
N ALA B 205 -13.59 21.93 9.97
CA ALA B 205 -13.17 23.30 10.21
C ALA B 205 -11.78 23.33 10.81
N ALA B 206 -11.38 22.32 11.60
CA ALA B 206 -10.05 22.17 12.11
C ALA B 206 -9.04 22.09 10.90
N TRP B 207 -9.42 21.35 9.86
CA TRP B 207 -8.56 21.27 8.64
C TRP B 207 -8.51 22.59 7.91
N SER B 208 -9.68 23.18 7.70
CA SER B 208 -9.75 24.47 7.05
C SER B 208 -8.88 25.51 7.81
N GLN B 209 -9.06 25.49 9.13
CA GLN B 209 -8.32 26.42 9.99
C GLN B 209 -6.82 26.15 9.98
N ARG B 210 -6.40 24.89 9.98
CA ARG B 210 -4.98 24.63 9.91
C ARG B 210 -4.41 25.14 8.55
N LEU B 211 -5.16 24.98 7.47
CA LEU B 211 -4.65 25.42 6.17
C LEU B 211 -4.39 26.93 6.12
N GLN B 212 -5.06 27.68 6.97
CA GLN B 212 -4.85 29.13 6.99
C GLN B 212 -3.41 29.46 7.30
N THR B 213 -2.75 28.61 8.08
CA THR B 213 -1.40 28.91 8.53
C THR B 213 -0.35 27.87 8.08
N ILE B 214 -0.67 27.10 7.02
CA ILE B 214 0.17 25.97 6.59
C ILE B 214 1.55 26.37 6.15
N TRP B 215 1.70 27.55 5.57
CA TRP B 215 3.01 28.01 5.04
C TRP B 215 3.95 28.43 6.21
N LYS B 216 3.38 28.59 7.39
CA LYS B 216 4.17 28.88 8.58
C LYS B 216 4.68 27.65 9.37
N GLU B 217 4.20 26.43 9.06
CA GLU B 217 4.64 25.21 9.79
C GLU B 217 6.01 24.77 9.46
N GLU B 218 6.67 24.06 10.38
CA GLU B 218 7.92 23.43 10.06
C GLU B 218 7.55 21.97 9.80
N PRO B 219 8.36 21.27 9.06
CA PRO B 219 8.11 19.84 8.83
C PRO B 219 8.41 19.01 10.11
N ILE B 220 7.92 17.78 10.19
CA ILE B 220 8.34 16.88 11.27
C ILE B 220 9.76 16.39 11.05
N PRO B 221 10.43 15.93 12.14
CA PRO B 221 11.64 15.17 11.94
C PRO B 221 11.17 13.77 11.54
N CYS B 222 11.42 13.35 10.32
CA CYS B 222 10.77 12.12 9.82
C CYS B 222 11.80 10.97 10.09
N THR B 223 11.86 10.53 11.35
CA THR B 223 12.93 9.66 11.83
C THR B 223 12.18 8.52 12.49
N ALA B 224 12.88 7.40 12.66
CA ALA B 224 12.35 6.29 13.49
C ALA B 224 11.82 6.72 14.85
N HIS B 225 12.53 7.65 15.52
CA HIS B 225 12.13 8.06 16.87
C HIS B 225 10.78 8.76 16.85
N TRP B 226 10.58 9.64 15.88
CA TRP B 226 9.29 10.36 15.76
C TRP B 226 8.14 9.35 15.62
N HIS B 227 8.36 8.31 14.85
CA HIS B 227 7.28 7.39 14.48
C HIS B 227 7.08 6.38 15.59
N PHE B 228 8.19 5.93 16.19
CA PHE B 228 8.08 4.79 17.13
C PHE B 228 8.42 5.08 18.61
N GLY B 229 9.10 6.18 18.89
CA GLY B 229 9.38 6.62 20.28
C GLY B 229 10.65 5.93 20.73
N GLN B 230 10.76 5.68 22.04
CA GLN B 230 11.91 4.89 22.53
C GLN B 230 13.13 5.83 22.75
ZN ZN C . -0.70 -8.28 14.97
PA FAD D . 15.02 -9.45 -10.58
O1A FAD D . 15.59 -8.25 -11.31
O2A FAD D . 13.94 -10.15 -11.33
O5B FAD D . 16.22 -10.46 -10.43
C5B FAD D . 17.35 -10.36 -9.60
C4B FAD D . 18.37 -11.26 -10.33
O4B FAD D . 18.13 -12.65 -10.14
C3B FAD D . 18.19 -11.08 -11.84
O3B FAD D . 19.49 -11.00 -12.43
C2B FAD D . 17.37 -12.29 -12.28
O2B FAD D . 17.53 -12.64 -13.62
C1B FAD D . 17.97 -13.32 -11.39
N9A FAD D . 17.24 -14.60 -11.20
C8A FAD D . 15.95 -14.97 -11.52
N7A FAD D . 15.77 -16.26 -11.11
C5A FAD D . 16.92 -16.71 -10.55
C6A FAD D . 17.32 -17.92 -9.98
N6A FAD D . 16.43 -18.89 -9.72
N1A FAD D . 18.61 -18.07 -9.47
C2A FAD D . 19.51 -17.02 -9.54
N3A FAD D . 19.11 -15.83 -10.11
C4A FAD D . 17.84 -15.67 -10.60
N1 FAD D . 13.26 -1.60 -2.72
C2 FAD D . 13.30 -1.39 -1.39
O2 FAD D . 14.19 -1.93 -0.71
N3 FAD D . 12.38 -0.59 -0.74
C4 FAD D . 11.37 0.00 -1.46
O4 FAD D . 10.57 0.66 -0.83
C4X FAD D . 11.30 -0.16 -2.85
N5 FAD D . 10.30 0.47 -3.59
C5X FAD D . 10.23 0.26 -4.96
C6 FAD D . 9.22 0.89 -5.68
C7 FAD D . 9.15 0.63 -7.06
C7M FAD D . 8.01 1.26 -7.84
C8 FAD D . 10.05 -0.22 -7.70
C8M FAD D . 9.93 -0.47 -9.19
C9 FAD D . 11.09 -0.88 -6.99
C9A FAD D . 11.16 -0.61 -5.60
N10 FAD D . 12.16 -1.25 -4.81
C10 FAD D . 12.23 -1.02 -3.48
C1' FAD D . 13.15 -2.20 -5.49
C2' FAD D . 12.43 -3.59 -5.61
O2' FAD D . 11.94 -4.06 -4.35
C3' FAD D . 13.44 -4.56 -6.22
O3' FAD D . 13.74 -4.08 -7.48
C4' FAD D . 12.90 -5.98 -6.39
O4' FAD D . 12.59 -6.49 -5.10
C5' FAD D . 13.91 -6.94 -7.06
O5' FAD D . 13.27 -8.25 -7.11
P FAD D . 13.03 -8.88 -8.59
O1P FAD D . 12.36 -7.90 -9.51
O2P FAD D . 12.29 -10.21 -8.60
O3P FAD D . 14.61 -9.12 -9.04
C1 A7B E . 12.38 2.96 -3.03
C2 A7B E . 13.37 2.42 -2.19
C3 A7B E . 14.48 1.64 -2.76
C4 A7B E . 14.49 1.45 -4.22
C5 A7B E . 13.45 2.00 -4.98
C6 A7B E . 12.44 2.74 -4.40
C7 A7B E . 13.39 2.59 -0.72
C8 A7B E . 14.49 2.02 0.01
C9 A7B E . 15.51 1.26 -0.64
N10 A7B E . 15.46 1.12 -1.98
O11 A7B E . 15.52 0.71 -4.74
O12 A7B E . 16.51 0.72 0.03
C13 A7B E . 12.30 3.35 -0.01
C14 A7B E . 15.70 0.56 -6.15
C1 A7B F . -9.61 -2.53 8.57
C2 A7B F . -9.58 -1.80 9.77
C3 A7B F . -10.74 -1.00 10.22
C4 A7B F . -11.87 -0.96 9.33
C5 A7B F . -11.85 -1.67 8.11
C6 A7B F . -10.73 -2.42 7.76
C7 A7B F . -8.46 -1.84 10.69
C8 A7B F . -8.57 -1.10 11.92
C9 A7B F . -9.72 -0.34 12.21
N10 A7B F . -10.78 -0.31 11.38
O11 A7B F . -12.91 -0.21 9.74
O12 A7B F . -9.82 0.31 13.31
C13 A7B F . -7.25 -2.64 10.30
C14 A7B F . -14.00 -0.22 8.83
ZN ZN G . 11.81 9.95 7.34
PA FAD H . -17.98 9.03 4.84
O1A FAD H . -18.13 9.62 3.49
O2A FAD H . -18.72 7.69 4.93
O5B FAD H . -18.36 10.12 5.94
C5B FAD H . -19.00 9.85 7.13
C4B FAD H . -20.11 10.88 7.17
O4B FAD H . -19.65 12.21 7.03
C3B FAD H . -21.13 10.69 6.03
O3B FAD H . -22.37 10.62 6.70
C2B FAD H . -21.01 11.96 5.23
O2B FAD H . -22.21 12.37 4.62
C1B FAD H . -20.62 12.92 6.31
N9A FAD H . -20.08 14.16 5.79
C8A FAD H . -19.55 14.36 4.53
N7A FAD H . -19.15 15.65 4.45
C5A FAD H . -19.41 16.27 5.63
C6A FAD H . -19.19 17.59 6.08
N6A FAD H . -18.86 18.56 5.21
N1A FAD H . -19.57 17.89 7.37
C2A FAD H . -20.17 16.97 8.19
N3A FAD H . -20.36 15.67 7.73
C4A FAD H . -19.99 15.32 6.48
N1 FAD H . -10.11 2.12 8.71
C2 FAD H . -9.11 2.06 9.63
O2 FAD H . -9.20 2.77 10.66
N3 FAD H . -8.01 1.25 9.37
C4 FAD H . -7.96 0.50 8.16
O4 FAD H . -6.97 -0.20 7.96
C4X FAD H . -9.04 0.51 7.29
N5 FAD H . -9.05 -0.26 6.15
C5X FAD H . -10.06 -0.17 5.24
C6 FAD H . -10.02 -0.94 4.07
C7 FAD H . -11.09 -0.90 3.16
C7M FAD H . -11.01 -1.72 1.89
C8 FAD H . -12.17 -0.04 3.41
C8M FAD H . -13.33 0.10 2.44
C9 FAD H . -12.17 0.75 4.58
C9A FAD H . -11.16 0.68 5.50
N10 FAD H . -11.14 1.46 6.67
C10 FAD H . -10.09 1.35 7.55
C1' FAD H . -12.25 2.37 6.98
C2' FAD H . -12.07 3.69 6.16
O2' FAD H . -10.80 4.33 6.45
C3' FAD H . -13.21 4.62 6.48
O3' FAD H . -14.44 4.04 6.01
C4' FAD H . -13.00 6.02 5.84
O4' FAD H . -11.79 6.58 6.36
C5' FAD H . -14.18 6.96 6.17
O5' FAD H . -14.03 8.15 5.38
P FAD H . -15.13 8.52 4.29
O1P FAD H . -14.94 9.79 3.49
O2P FAD H . -15.41 7.35 3.37
O3P FAD H . -16.42 8.83 5.27
#